data_1PWZ
#
_entry.id   1PWZ
#
_cell.length_a   103.904
_cell.length_b   103.904
_cell.length_c   119.422
_cell.angle_alpha   90.00
_cell.angle_beta   90.00
_cell.angle_gamma   90.00
#
_symmetry.space_group_name_H-M   'P 43 21 2'
#
loop_
_entity.id
_entity.type
_entity.pdbx_description
1 polymer 'halohydrin dehalogenase'
2 non-polymer 'CHLORIDE ION'
3 non-polymer 'R-STYRENE OXIDE'
4 water water
#
_entity_poly.entity_id   1
_entity_poly.type   'polypeptide(L)'
_entity_poly.pdbx_seq_one_letter_code
;MSTAIVTNVKHFGGMGSALRLSEAGHTVACHDESFKQKDELEAFAETYPQLKPMSEQEPAELIEAVTSAYGQVDVLVSND
IFAPEFQPIDKYAVEDYRGAVEALQIRPFALVNAVASQMKKRKSGHIIFITSATPFGPWKELSTYTSARAGACTLANALS
KELGEYNIPVFAIGPNYLHSEDSPYFYPTEPWKTNPEHVAHVKKVTALQRLGTQKELGELVAFLASGSCDYLTGQVFWLA
GGFPMIERWPGMPE
;
_entity_poly.pdbx_strand_id   A,B
#
# COMPACT_ATOMS: atom_id res chain seq x y z
N SER A 2 24.57 -15.78 13.51
CA SER A 2 23.09 -15.75 13.68
C SER A 2 22.38 -16.44 12.54
N THR A 3 21.10 -16.70 12.70
CA THR A 3 20.34 -17.39 11.67
C THR A 3 19.47 -16.42 10.86
N ALA A 4 19.54 -16.57 9.54
CA ALA A 4 18.75 -15.73 8.64
C ALA A 4 17.83 -16.60 7.79
N ILE A 5 16.71 -16.01 7.36
CA ILE A 5 15.77 -16.70 6.48
C ILE A 5 15.62 -15.86 5.21
N VAL A 6 15.85 -16.46 4.06
CA VAL A 6 15.67 -15.75 2.79
C VAL A 6 14.61 -16.53 2.00
N THR A 7 13.48 -15.89 1.72
CA THR A 7 12.40 -16.53 0.99
C THR A 7 12.57 -16.38 -0.54
N ASN A 8 11.91 -17.27 -1.30
CA ASN A 8 11.97 -17.28 -2.77
C ASN A 8 13.42 -17.06 -3.20
N VAL A 9 14.33 -17.80 -2.58
CA VAL A 9 15.76 -17.66 -2.83
C VAL A 9 16.25 -17.78 -4.27
N LYS A 10 15.49 -18.46 -5.12
CA LYS A 10 15.90 -18.61 -6.52
C LYS A 10 15.55 -17.41 -7.38
N HIS A 11 14.69 -16.53 -6.87
CA HIS A 11 14.25 -15.37 -7.63
C HIS A 11 14.52 -14.01 -7.00
N PHE A 12 14.29 -12.98 -7.80
CA PHE A 12 14.41 -11.58 -7.36
C PHE A 12 15.71 -11.27 -6.61
N GLY A 13 15.62 -10.99 -5.32
CA GLY A 13 16.82 -10.67 -4.57
C GLY A 13 17.35 -11.85 -3.78
N GLY A 14 16.70 -13.00 -3.92
CA GLY A 14 17.08 -14.20 -3.20
C GLY A 14 18.54 -14.60 -3.15
N MET A 15 19.17 -14.86 -4.30
CA MET A 15 20.55 -15.29 -4.30
C MET A 15 21.51 -14.25 -3.74
N GLY A 16 21.41 -13.01 -4.21
CA GLY A 16 22.29 -11.98 -3.68
C GLY A 16 22.20 -11.91 -2.16
N SER A 17 20.98 -11.96 -1.64
CA SER A 17 20.78 -11.89 -0.20
C SER A 17 21.36 -13.11 0.53
N ALA A 18 21.03 -14.30 0.05
CA ALA A 18 21.53 -15.53 0.66
C ALA A 18 23.06 -15.61 0.65
N LEU A 19 23.65 -15.53 -0.53
CA LEU A 19 25.10 -15.62 -0.69
C LEU A 19 25.91 -14.62 0.12
N ARG A 20 25.57 -13.35 0.01
CA ARG A 20 26.30 -12.33 0.75
C ARG A 20 26.05 -12.40 2.25
N LEU A 21 24.86 -12.88 2.63
CA LEU A 21 24.49 -13.02 4.03
C LEU A 21 25.30 -14.20 4.57
N SER A 22 25.46 -15.21 3.71
CA SER A 22 26.21 -16.40 4.09
C SER A 22 27.71 -16.08 4.13
N GLU A 23 28.20 -15.27 3.18
CA GLU A 23 29.60 -14.92 3.18
C GLU A 23 29.95 -14.08 4.41
N ALA A 24 28.94 -13.45 5.00
CA ALA A 24 29.14 -12.62 6.19
C ALA A 24 29.27 -13.49 7.45
N GLY A 25 28.84 -14.75 7.35
CA GLY A 25 28.95 -15.65 8.47
C GLY A 25 27.64 -16.31 8.87
N HIS A 26 26.54 -15.75 8.41
CA HIS A 26 25.22 -16.28 8.74
C HIS A 26 24.91 -17.70 8.31
N THR A 27 23.96 -18.31 9.01
CA THR A 27 23.46 -19.64 8.67
C THR A 27 22.19 -19.20 7.95
N VAL A 28 22.13 -19.48 6.65
CA VAL A 28 21.01 -19.05 5.85
C VAL A 28 20.06 -20.17 5.45
N ALA A 29 18.92 -20.21 6.13
CA ALA A 29 17.92 -21.20 5.81
C ALA A 29 17.24 -20.56 4.61
N CYS A 30 16.96 -21.33 3.56
CA CYS A 30 16.33 -20.78 2.38
C CYS A 30 14.99 -21.42 2.07
N HIS A 31 14.05 -20.59 1.63
CA HIS A 31 12.73 -21.06 1.26
C HIS A 31 12.57 -20.83 -0.24
N ASP A 32 11.64 -21.57 -0.84
CA ASP A 32 11.35 -21.47 -2.26
C ASP A 32 10.23 -22.46 -2.56
N GLU A 33 9.43 -22.17 -3.58
CA GLU A 33 8.32 -23.03 -3.96
C GLU A 33 8.83 -24.34 -4.56
N SER A 34 9.91 -24.26 -5.33
CA SER A 34 10.48 -25.43 -5.96
C SER A 34 10.93 -26.46 -4.95
N PHE A 35 11.19 -26.02 -3.72
CA PHE A 35 11.65 -26.93 -2.68
C PHE A 35 10.58 -27.85 -2.13
N LYS A 36 9.36 -27.76 -2.66
CA LYS A 36 8.31 -28.64 -2.20
C LYS A 36 8.69 -30.03 -2.71
N GLN A 37 9.56 -30.05 -3.73
CA GLN A 37 10.04 -31.32 -4.30
C GLN A 37 11.46 -31.63 -3.81
N LYS A 38 11.62 -32.76 -3.14
CA LYS A 38 12.92 -33.16 -2.60
C LYS A 38 14.02 -33.12 -3.65
N ASP A 39 13.67 -33.44 -4.89
CA ASP A 39 14.63 -33.44 -5.99
C ASP A 39 15.26 -32.06 -6.17
N GLU A 40 14.43 -31.02 -6.08
CA GLU A 40 14.88 -29.64 -6.23
C GLU A 40 15.65 -29.17 -5.01
N LEU A 41 15.09 -29.43 -3.83
CA LEU A 41 15.72 -29.03 -2.58
C LEU A 41 17.13 -29.60 -2.42
N GLU A 42 17.32 -30.85 -2.81
CA GLU A 42 18.63 -31.48 -2.67
C GLU A 42 19.61 -31.06 -3.75
N ALA A 43 19.10 -30.71 -4.93
CA ALA A 43 19.97 -30.26 -6.00
C ALA A 43 20.51 -28.90 -5.59
N PHE A 44 19.64 -28.05 -5.05
CA PHE A 44 20.01 -26.73 -4.60
C PHE A 44 21.00 -26.87 -3.45
N ALA A 45 20.66 -27.74 -2.50
CA ALA A 45 21.53 -27.97 -1.35
C ALA A 45 22.91 -28.40 -1.81
N GLU A 46 22.96 -29.22 -2.86
CA GLU A 46 24.23 -29.72 -3.38
C GLU A 46 25.08 -28.63 -4.06
N THR A 47 24.43 -27.70 -4.75
CA THR A 47 25.16 -26.64 -5.43
C THR A 47 25.62 -25.58 -4.42
N TYR A 48 24.79 -25.35 -3.41
CA TYR A 48 25.10 -24.35 -2.40
C TYR A 48 25.20 -24.98 -1.02
N PRO A 49 26.34 -25.61 -0.72
CA PRO A 49 26.54 -26.25 0.58
C PRO A 49 26.56 -25.24 1.73
N GLN A 50 26.77 -23.97 1.42
CA GLN A 50 26.80 -22.97 2.47
C GLN A 50 25.41 -22.39 2.74
N LEU A 51 24.39 -22.94 2.09
CA LEU A 51 23.00 -22.50 2.27
C LEU A 51 22.18 -23.67 2.80
N LYS A 52 21.16 -23.38 3.58
CA LYS A 52 20.32 -24.43 4.15
C LYS A 52 18.92 -24.38 3.59
N PRO A 53 18.70 -25.02 2.44
CA PRO A 53 17.36 -25.02 1.83
C PRO A 53 16.30 -25.79 2.63
N MET A 54 15.18 -25.15 2.92
CA MET A 54 14.09 -25.75 3.68
C MET A 54 12.94 -26.08 2.72
N SER A 55 12.12 -27.05 3.09
CA SER A 55 11.01 -27.44 2.23
C SER A 55 9.71 -26.76 2.64
N GLU A 56 9.68 -26.26 3.88
CA GLU A 56 8.49 -25.58 4.39
C GLU A 56 8.03 -24.48 3.44
N GLN A 57 6.72 -24.33 3.31
CA GLN A 57 6.14 -23.33 2.42
C GLN A 57 5.36 -22.25 3.13
N GLU A 58 4.65 -22.62 4.19
CA GLU A 58 3.87 -21.65 4.93
C GLU A 58 4.69 -20.93 6.00
N PRO A 59 4.35 -19.65 6.26
CA PRO A 59 5.00 -18.77 7.23
C PRO A 59 5.23 -19.39 8.62
N ALA A 60 4.14 -19.78 9.27
CA ALA A 60 4.22 -20.37 10.61
C ALA A 60 5.10 -21.63 10.62
N GLU A 61 4.88 -22.51 9.64
CA GLU A 61 5.65 -23.75 9.54
C GLU A 61 7.14 -23.46 9.32
N LEU A 62 7.43 -22.52 8.43
CA LEU A 62 8.82 -22.15 8.12
C LEU A 62 9.57 -21.58 9.33
N ILE A 63 9.00 -20.57 9.98
CA ILE A 63 9.64 -19.97 11.13
C ILE A 63 9.92 -21.04 12.18
N GLU A 64 8.91 -21.88 12.45
CA GLU A 64 9.06 -22.96 13.43
C GLU A 64 10.17 -23.93 13.02
N ALA A 65 10.17 -24.33 11.75
CA ALA A 65 11.17 -25.26 11.25
C ALA A 65 12.61 -24.73 11.38
N VAL A 66 12.82 -23.46 11.05
CA VAL A 66 14.16 -22.88 11.15
C VAL A 66 14.50 -22.62 12.62
N THR A 67 13.48 -22.36 13.43
CA THR A 67 13.71 -22.13 14.85
C THR A 67 14.17 -23.42 15.53
N SER A 68 13.67 -24.55 15.04
CA SER A 68 14.03 -25.85 15.60
C SER A 68 15.42 -26.26 15.17
N ALA A 69 15.61 -26.30 13.86
CA ALA A 69 16.88 -26.70 13.29
C ALA A 69 18.05 -25.82 13.70
N TYR A 70 17.88 -24.51 13.59
CA TYR A 70 18.99 -23.61 13.91
C TYR A 70 18.81 -22.68 15.09
N GLY A 71 18.11 -23.16 16.11
CA GLY A 71 17.93 -22.39 17.32
C GLY A 71 17.01 -21.19 17.35
N GLN A 72 17.10 -20.33 16.33
CA GLN A 72 16.26 -19.16 16.29
C GLN A 72 16.37 -18.44 14.97
N VAL A 73 15.65 -17.33 14.85
CA VAL A 73 15.67 -16.52 13.65
C VAL A 73 16.01 -15.09 14.03
N ASP A 74 17.20 -14.65 13.64
CA ASP A 74 17.64 -13.30 13.96
C ASP A 74 17.36 -12.32 12.82
N VAL A 75 17.53 -12.79 11.59
CA VAL A 75 17.31 -11.97 10.42
C VAL A 75 16.28 -12.56 9.47
N LEU A 76 15.26 -11.77 9.13
CA LEU A 76 14.23 -12.20 8.20
C LEU A 76 14.30 -11.33 6.95
N VAL A 77 14.49 -11.96 5.79
CA VAL A 77 14.53 -11.24 4.53
C VAL A 77 13.36 -11.75 3.71
N SER A 78 12.28 -10.98 3.70
CA SER A 78 11.09 -11.35 2.96
C SER A 78 11.25 -10.92 1.50
N ASN A 79 11.87 -11.78 0.69
CA ASN A 79 12.10 -11.52 -0.73
C ASN A 79 10.82 -11.91 -1.44
N ASP A 80 9.87 -11.00 -1.51
CA ASP A 80 8.58 -11.30 -2.12
C ASP A 80 8.47 -11.08 -3.63
N ILE A 81 7.77 -12.00 -4.30
CA ILE A 81 7.62 -11.93 -5.74
C ILE A 81 6.19 -12.19 -6.21
N PHE A 82 5.94 -11.84 -7.47
CA PHE A 82 4.62 -11.98 -8.08
C PHE A 82 4.82 -11.69 -9.57
N ALA A 83 4.08 -12.37 -10.44
CA ALA A 83 4.19 -12.15 -11.87
C ALA A 83 2.93 -11.41 -12.30
N PRO A 84 3.00 -10.08 -12.35
CA PRO A 84 1.83 -9.30 -12.75
C PRO A 84 1.77 -9.06 -14.24
N GLU A 85 0.57 -8.76 -14.72
CA GLU A 85 0.42 -8.46 -16.13
C GLU A 85 0.22 -6.95 -16.16
N PHE A 86 0.65 -6.33 -17.24
CA PHE A 86 0.44 -4.90 -17.41
C PHE A 86 -0.95 -4.87 -18.04
N GLN A 87 -1.81 -3.96 -17.59
CA GLN A 87 -3.14 -3.87 -18.17
C GLN A 87 -3.93 -2.69 -17.69
N PRO A 88 -4.83 -2.18 -18.54
CA PRO A 88 -5.66 -1.04 -18.16
C PRO A 88 -6.42 -1.52 -16.93
N ILE A 89 -6.68 -0.62 -15.99
CA ILE A 89 -7.41 -0.98 -14.79
C ILE A 89 -8.69 -1.78 -15.10
N ASP A 90 -9.39 -1.44 -16.19
CA ASP A 90 -10.61 -2.14 -16.55
C ASP A 90 -10.38 -3.53 -17.16
N LYS A 91 -9.17 -3.80 -17.65
CA LYS A 91 -8.85 -5.13 -18.21
C LYS A 91 -8.37 -6.10 -17.13
N TYR A 92 -8.13 -5.61 -15.92
CA TYR A 92 -7.72 -6.50 -14.83
C TYR A 92 -8.99 -7.12 -14.30
N ALA A 93 -8.83 -8.14 -13.47
CA ALA A 93 -9.95 -8.79 -12.80
C ALA A 93 -9.67 -8.42 -11.35
N VAL A 94 -10.72 -8.22 -10.55
CA VAL A 94 -10.48 -7.87 -9.17
C VAL A 94 -9.56 -8.90 -8.51
N GLU A 95 -9.66 -10.17 -8.95
CA GLU A 95 -8.83 -11.24 -8.40
C GLU A 95 -7.35 -11.00 -8.73
N ASP A 96 -7.07 -10.25 -9.79
CA ASP A 96 -5.68 -9.96 -10.17
C ASP A 96 -5.04 -8.96 -9.22
N TYR A 97 -5.84 -8.35 -8.36
CA TYR A 97 -5.33 -7.39 -7.41
C TYR A 97 -5.16 -8.14 -6.10
N ARG A 98 -6.16 -8.96 -5.76
CA ARG A 98 -6.12 -9.76 -4.54
C ARG A 98 -4.88 -10.63 -4.57
N GLY A 99 -4.67 -11.29 -5.70
CA GLY A 99 -3.52 -12.14 -5.85
C GLY A 99 -2.24 -11.37 -5.54
N ALA A 100 -2.11 -10.20 -6.17
CA ALA A 100 -0.93 -9.36 -5.97
C ALA A 100 -0.79 -8.93 -4.52
N VAL A 101 -1.90 -8.54 -3.90
CA VAL A 101 -1.86 -8.11 -2.52
C VAL A 101 -1.57 -9.28 -1.58
N GLU A 102 -2.04 -10.47 -1.94
CA GLU A 102 -1.82 -11.66 -1.12
C GLU A 102 -0.35 -12.06 -1.09
N ALA A 103 0.35 -11.91 -2.21
CA ALA A 103 1.75 -12.30 -2.26
C ALA A 103 2.73 -11.20 -1.88
N LEU A 104 2.38 -9.96 -2.16
CA LEU A 104 3.27 -8.84 -1.89
C LEU A 104 3.01 -8.12 -0.56
N GLN A 105 1.85 -8.32 0.02
CA GLN A 105 1.55 -7.67 1.28
C GLN A 105 1.26 -8.67 2.39
N ILE A 106 0.25 -9.52 2.17
CA ILE A 106 -0.16 -10.49 3.17
C ILE A 106 0.96 -11.43 3.56
N ARG A 107 1.73 -11.87 2.57
CA ARG A 107 2.83 -12.77 2.80
C ARG A 107 3.88 -12.18 3.75
N PRO A 108 4.48 -11.02 3.41
CA PRO A 108 5.46 -10.50 4.35
C PRO A 108 4.86 -10.23 5.74
N PHE A 109 3.58 -9.86 5.78
CA PHE A 109 2.90 -9.61 7.05
C PHE A 109 2.77 -10.93 7.84
N ALA A 110 2.43 -12.00 7.14
CA ALA A 110 2.26 -13.29 7.80
C ALA A 110 3.57 -13.73 8.44
N LEU A 111 4.68 -13.56 7.71
CA LEU A 111 5.99 -13.94 8.23
C LEU A 111 6.41 -13.18 9.48
N VAL A 112 6.27 -11.84 9.46
CA VAL A 112 6.65 -11.05 10.61
C VAL A 112 5.72 -11.37 11.78
N ASN A 113 4.46 -11.60 11.46
CA ASN A 113 3.45 -11.95 12.47
C ASN A 113 3.82 -13.28 13.13
N ALA A 114 4.66 -14.06 12.46
CA ALA A 114 5.08 -15.37 12.98
C ALA A 114 6.37 -15.33 13.79
N VAL A 115 7.32 -14.49 13.39
CA VAL A 115 8.61 -14.39 14.08
C VAL A 115 8.69 -13.25 15.09
N ALA A 116 7.74 -12.32 15.02
CA ALA A 116 7.73 -11.16 15.91
C ALA A 116 7.86 -11.42 17.40
N SER A 117 7.08 -12.35 17.93
CA SER A 117 7.15 -12.62 19.38
C SER A 117 8.51 -13.09 19.87
N GLN A 118 9.15 -14.02 19.17
CA GLN A 118 10.45 -14.48 19.64
C GLN A 118 11.51 -13.37 19.60
N MET A 119 11.43 -12.49 18.62
CA MET A 119 12.39 -11.39 18.53
C MET A 119 12.14 -10.39 19.67
N LYS A 120 10.88 -10.09 19.94
CA LYS A 120 10.55 -9.15 21.01
C LYS A 120 10.98 -9.67 22.38
N LYS A 121 10.96 -10.99 22.56
CA LYS A 121 11.36 -11.57 23.84
C LYS A 121 12.87 -11.43 24.07
N ARG A 122 13.67 -11.66 23.04
CA ARG A 122 15.13 -11.52 23.15
C ARG A 122 15.49 -10.05 23.02
N LYS A 123 14.58 -9.29 22.41
CA LYS A 123 14.80 -7.88 22.16
C LYS A 123 15.97 -7.73 21.20
N SER A 124 15.94 -8.52 20.13
CA SER A 124 16.99 -8.47 19.11
C SER A 124 16.49 -9.15 17.84
N GLY A 125 16.92 -8.61 16.69
CA GLY A 125 16.52 -9.15 15.42
C GLY A 125 16.46 -8.08 14.34
N HIS A 126 16.35 -8.51 13.09
CA HIS A 126 16.29 -7.60 11.96
C HIS A 126 15.31 -8.11 10.91
N ILE A 127 14.41 -7.23 10.48
CA ILE A 127 13.42 -7.55 9.47
C ILE A 127 13.66 -6.70 8.23
N ILE A 128 13.75 -7.35 7.08
CA ILE A 128 13.98 -6.67 5.83
C ILE A 128 13.02 -7.15 4.74
N PHE A 129 12.30 -6.22 4.13
CA PHE A 129 11.36 -6.54 3.05
C PHE A 129 11.99 -6.15 1.73
N ILE A 130 11.93 -7.05 0.74
CA ILE A 130 12.43 -6.68 -0.58
C ILE A 130 11.13 -6.36 -1.28
N THR A 131 10.92 -5.08 -1.57
CA THR A 131 9.69 -4.64 -2.21
C THR A 131 9.86 -4.25 -3.67
N SER A 132 9.81 -2.95 -3.96
CA SER A 132 9.96 -2.46 -5.32
C SER A 132 10.05 -0.93 -5.34
N ALA A 133 10.76 -0.41 -6.33
CA ALA A 133 10.90 1.04 -6.45
C ALA A 133 9.82 1.65 -7.32
N THR A 134 8.93 0.82 -7.86
CA THR A 134 7.87 1.33 -8.73
C THR A 134 6.96 2.39 -8.09
N PRO A 135 6.68 2.28 -6.78
CA PRO A 135 5.83 3.30 -6.17
C PRO A 135 6.43 4.70 -6.38
N PHE A 136 7.75 4.77 -6.37
CA PHE A 136 8.46 6.04 -6.53
C PHE A 136 8.27 6.63 -7.92
N GLY A 137 8.30 5.77 -8.94
CA GLY A 137 8.11 6.22 -10.31
C GLY A 137 7.17 5.23 -10.98
N PRO A 138 5.85 5.40 -10.80
CA PRO A 138 4.86 4.51 -11.41
C PRO A 138 4.77 4.50 -12.94
N TRP A 139 4.59 3.32 -13.50
CA TRP A 139 4.42 3.21 -14.94
C TRP A 139 2.92 3.11 -15.10
N LYS A 140 2.40 3.45 -16.27
CA LYS A 140 0.97 3.31 -16.44
C LYS A 140 0.68 1.81 -16.64
N GLU A 141 -0.52 1.38 -16.27
CA GLU A 141 -0.96 -0.01 -16.44
C GLU A 141 -0.30 -1.11 -15.60
N LEU A 142 0.13 -0.76 -14.40
CA LEU A 142 0.71 -1.76 -13.51
C LEU A 142 0.22 -1.40 -12.11
N SER A 143 -1.03 -0.94 -12.06
CA SER A 143 -1.65 -0.50 -10.82
C SER A 143 -1.82 -1.51 -9.70
N THR A 144 -1.95 -2.79 -10.02
CA THR A 144 -2.11 -3.78 -8.96
C THR A 144 -0.78 -4.02 -8.28
N TYR A 145 0.22 -4.38 -9.07
CA TYR A 145 1.57 -4.67 -8.57
C TYR A 145 2.26 -3.49 -7.89
N THR A 146 2.06 -2.28 -8.41
CA THR A 146 2.69 -1.10 -7.84
C THR A 146 2.08 -0.72 -6.51
N SER A 147 0.75 -0.63 -6.43
CA SER A 147 0.13 -0.26 -5.16
C SER A 147 0.34 -1.33 -4.08
N ALA A 148 0.42 -2.60 -4.48
CA ALA A 148 0.64 -3.66 -3.50
C ALA A 148 2.01 -3.47 -2.85
N ARG A 149 3.01 -3.11 -3.67
CA ARG A 149 4.36 -2.87 -3.19
C ARG A 149 4.44 -1.70 -2.20
N ALA A 150 3.62 -0.67 -2.42
CA ALA A 150 3.58 0.50 -1.56
C ALA A 150 3.02 0.10 -0.21
N GLY A 151 2.14 -0.88 -0.21
CA GLY A 151 1.59 -1.36 1.04
C GLY A 151 2.69 -2.04 1.82
N ALA A 152 3.53 -2.80 1.12
CA ALA A 152 4.65 -3.50 1.75
C ALA A 152 5.61 -2.49 2.36
N CYS A 153 6.02 -1.47 1.60
CA CYS A 153 6.94 -0.44 2.12
C CYS A 153 6.38 0.19 3.39
N THR A 154 5.15 0.69 3.30
CA THR A 154 4.53 1.31 4.45
C THR A 154 4.38 0.32 5.61
N LEU A 155 4.21 -0.95 5.30
CA LEU A 155 4.09 -1.94 6.36
C LEU A 155 5.41 -1.97 7.14
N ALA A 156 6.52 -1.97 6.41
CA ALA A 156 7.84 -2.01 7.01
C ALA A 156 8.10 -0.81 7.94
N ASN A 157 7.79 0.39 7.44
CA ASN A 157 7.97 1.62 8.21
C ASN A 157 7.05 1.65 9.43
N ALA A 158 5.81 1.22 9.27
CA ALA A 158 4.87 1.21 10.39
C ALA A 158 5.39 0.24 11.45
N LEU A 159 5.87 -0.92 11.00
CA LEU A 159 6.40 -1.93 11.90
C LEU A 159 7.65 -1.41 12.62
N SER A 160 8.45 -0.59 11.95
CA SER A 160 9.65 -0.05 12.59
C SER A 160 9.30 0.77 13.84
N LYS A 161 8.11 1.35 13.88
CA LYS A 161 7.68 2.17 15.00
C LYS A 161 7.39 1.38 16.26
N GLU A 162 6.72 0.23 16.14
CA GLU A 162 6.42 -0.57 17.32
C GLU A 162 7.58 -1.49 17.73
N LEU A 163 8.29 -2.07 16.76
CA LEU A 163 9.38 -2.97 17.08
C LEU A 163 10.66 -2.29 17.57
N GLY A 164 10.77 -0.99 17.34
CA GLY A 164 11.95 -0.28 17.77
C GLY A 164 12.13 -0.33 19.27
N GLU A 165 11.02 -0.45 19.98
CA GLU A 165 11.07 -0.51 21.43
C GLU A 165 11.75 -1.80 21.88
N TYR A 166 11.72 -2.81 21.03
CA TYR A 166 12.33 -4.09 21.34
C TYR A 166 13.69 -4.22 20.65
N ASN A 167 14.21 -3.09 20.21
CA ASN A 167 15.51 -3.03 19.54
C ASN A 167 15.59 -3.88 18.26
N ILE A 168 14.51 -3.85 17.48
CA ILE A 168 14.40 -4.60 16.23
C ILE A 168 14.23 -3.68 15.03
N PRO A 169 15.30 -3.49 14.22
CA PRO A 169 15.16 -2.61 13.06
C PRO A 169 14.28 -3.27 12.00
N VAL A 170 13.66 -2.46 11.15
CA VAL A 170 12.82 -2.96 10.06
C VAL A 170 13.07 -2.10 8.83
N PHE A 171 13.44 -2.71 7.71
CA PHE A 171 13.69 -1.93 6.50
C PHE A 171 12.97 -2.47 5.29
N ALA A 172 12.92 -1.65 4.25
CA ALA A 172 12.32 -2.02 2.99
C ALA A 172 13.33 -1.61 1.91
N ILE A 173 13.62 -2.51 0.99
CA ILE A 173 14.56 -2.23 -0.10
C ILE A 173 13.79 -2.35 -1.41
N GLY A 174 13.41 -1.21 -1.99
CA GLY A 174 12.66 -1.23 -3.23
C GLY A 174 13.58 -1.19 -4.44
N PRO A 175 13.83 -2.34 -5.08
CA PRO A 175 14.72 -2.36 -6.25
C PRO A 175 14.02 -2.09 -7.60
N ASN A 176 14.82 -1.82 -8.61
CA ASN A 176 14.30 -1.65 -9.95
C ASN A 176 15.49 -1.85 -10.86
N TYR A 177 15.26 -2.56 -11.96
CA TYR A 177 16.31 -2.87 -12.91
C TYR A 177 17.43 -3.69 -12.26
N LEU A 178 17.01 -4.61 -11.38
CA LEU A 178 17.95 -5.47 -10.69
C LEU A 178 18.09 -6.74 -11.52
N HIS A 179 19.31 -6.99 -12.00
CA HIS A 179 19.60 -8.18 -12.78
C HIS A 179 19.19 -9.41 -11.97
N SER A 180 18.24 -10.19 -12.48
CA SER A 180 17.82 -11.39 -11.75
C SER A 180 18.41 -12.66 -12.35
N GLU A 181 19.44 -12.46 -13.18
CA GLU A 181 20.15 -13.55 -13.84
C GLU A 181 19.29 -14.58 -14.56
N ASP A 182 19.20 -15.80 -14.03
CA ASP A 182 18.40 -16.83 -14.68
C ASP A 182 16.95 -16.75 -14.24
N SER A 183 16.70 -15.95 -13.20
CA SER A 183 15.34 -15.82 -12.71
C SER A 183 14.55 -14.83 -13.56
N PRO A 184 13.26 -15.13 -13.78
CA PRO A 184 12.40 -14.25 -14.58
C PRO A 184 11.88 -13.06 -13.74
N TYR A 185 12.15 -13.08 -12.44
CA TYR A 185 11.73 -11.99 -11.54
C TYR A 185 12.95 -11.12 -11.19
N PHE A 186 13.11 -9.96 -11.86
CA PHE A 186 12.19 -9.49 -12.89
C PHE A 186 12.99 -9.01 -14.10
N TYR A 187 14.32 -9.10 -14.00
CA TYR A 187 15.18 -8.67 -15.08
C TYR A 187 16.25 -9.71 -15.42
N PRO A 188 15.86 -10.83 -16.05
CA PRO A 188 16.80 -11.90 -16.44
C PRO A 188 17.84 -11.45 -17.46
N THR A 189 18.99 -12.14 -17.47
CA THR A 189 20.08 -11.81 -18.39
C THR A 189 19.59 -11.69 -19.82
N GLU A 190 18.63 -12.54 -20.18
CA GLU A 190 18.02 -12.53 -21.51
C GLU A 190 16.64 -11.93 -21.30
N PRO A 191 16.32 -10.80 -21.96
CA PRO A 191 17.13 -10.04 -22.90
C PRO A 191 17.77 -8.79 -22.33
N TRP A 192 17.61 -8.58 -21.02
CA TRP A 192 18.14 -7.37 -20.42
C TRP A 192 19.62 -7.04 -20.54
N LYS A 193 20.48 -8.05 -20.71
CA LYS A 193 21.91 -7.78 -20.86
C LYS A 193 22.42 -8.12 -22.26
N THR A 194 21.54 -8.72 -23.07
CA THR A 194 21.87 -9.16 -24.42
C THR A 194 21.18 -8.41 -25.58
N ASN A 195 19.86 -8.23 -25.47
CA ASN A 195 19.10 -7.55 -26.51
C ASN A 195 19.37 -6.05 -26.54
N PRO A 196 19.78 -5.51 -27.69
CA PRO A 196 20.07 -4.09 -27.87
C PRO A 196 18.93 -3.11 -27.49
N GLU A 197 17.68 -3.51 -27.72
CA GLU A 197 16.52 -2.68 -27.40
C GLU A 197 16.43 -2.50 -25.89
N HIS A 198 16.53 -3.61 -25.17
CA HIS A 198 16.47 -3.58 -23.73
C HIS A 198 17.70 -2.91 -23.14
N VAL A 199 18.88 -3.22 -23.67
CA VAL A 199 20.10 -2.63 -23.16
C VAL A 199 20.03 -1.11 -23.25
N ALA A 200 19.43 -0.64 -24.33
CA ALA A 200 19.26 0.79 -24.60
C ALA A 200 18.29 1.42 -23.60
N HIS A 201 17.17 0.75 -23.37
CA HIS A 201 16.17 1.22 -22.42
C HIS A 201 16.84 1.49 -21.08
N VAL A 202 17.38 0.43 -20.50
CA VAL A 202 18.07 0.50 -19.23
C VAL A 202 19.08 1.64 -19.23
N LYS A 203 19.75 1.85 -20.35
CA LYS A 203 20.75 2.90 -20.43
C LYS A 203 20.13 4.31 -20.31
N LYS A 204 18.88 4.43 -20.76
CA LYS A 204 18.16 5.69 -20.77
C LYS A 204 17.45 6.05 -19.45
N VAL A 205 16.72 5.07 -18.89
CA VAL A 205 15.97 5.31 -17.67
C VAL A 205 16.73 5.29 -16.34
N THR A 206 17.99 4.88 -16.32
CA THR A 206 18.72 4.87 -15.05
C THR A 206 19.93 5.80 -15.13
N ALA A 207 20.25 6.43 -14.01
CA ALA A 207 21.37 7.36 -13.96
C ALA A 207 22.73 6.66 -14.20
N LEU A 208 22.96 5.54 -13.54
CA LEU A 208 24.21 4.80 -13.71
C LEU A 208 24.21 4.01 -15.04
N GLN A 209 23.09 4.12 -15.76
CA GLN A 209 22.91 3.48 -17.06
C GLN A 209 23.26 2.00 -17.09
N ARG A 210 22.71 1.23 -16.16
CA ARG A 210 22.97 -0.19 -16.13
C ARG A 210 22.04 -0.86 -15.14
N LEU A 211 21.94 -2.18 -15.22
CA LEU A 211 21.11 -2.94 -14.30
C LEU A 211 21.81 -2.95 -12.94
N GLY A 212 21.05 -3.18 -11.88
CA GLY A 212 21.66 -3.26 -10.58
C GLY A 212 22.17 -4.69 -10.50
N THR A 213 23.20 -4.95 -9.70
CA THR A 213 23.71 -6.31 -9.59
C THR A 213 23.21 -7.02 -8.32
N GLN A 214 23.25 -8.35 -8.31
CA GLN A 214 22.81 -9.10 -7.15
C GLN A 214 23.78 -8.87 -6.00
N LYS A 215 25.02 -8.51 -6.32
CA LYS A 215 26.02 -8.26 -5.29
C LYS A 215 25.74 -6.95 -4.54
N GLU A 216 25.17 -5.96 -5.22
CA GLU A 216 24.88 -4.70 -4.55
C GLU A 216 23.71 -4.90 -3.59
N LEU A 217 22.67 -5.58 -4.04
CA LEU A 217 21.52 -5.85 -3.19
C LEU A 217 21.96 -6.70 -2.00
N GLY A 218 22.85 -7.66 -2.24
CA GLY A 218 23.35 -8.53 -1.18
C GLY A 218 24.18 -7.77 -0.16
N GLU A 219 25.01 -6.85 -0.63
CA GLU A 219 25.83 -6.05 0.27
C GLU A 219 24.94 -5.24 1.20
N LEU A 220 23.92 -4.61 0.62
CA LEU A 220 23.00 -3.79 1.40
C LEU A 220 22.25 -4.60 2.45
N VAL A 221 21.81 -5.80 2.05
CA VAL A 221 21.07 -6.67 2.95
C VAL A 221 21.98 -7.10 4.11
N ALA A 222 23.22 -7.46 3.79
CA ALA A 222 24.18 -7.88 4.81
C ALA A 222 24.52 -6.71 5.73
N PHE A 223 24.66 -5.52 5.17
CA PHE A 223 24.98 -4.34 5.95
C PHE A 223 23.87 -4.02 6.94
N LEU A 224 22.63 -4.00 6.46
CA LEU A 224 21.49 -3.71 7.30
C LEU A 224 21.29 -4.72 8.42
N ALA A 225 21.57 -5.99 8.14
CA ALA A 225 21.40 -7.05 9.13
C ALA A 225 22.61 -7.28 10.03
N SER A 226 23.67 -6.50 9.83
CA SER A 226 24.88 -6.67 10.64
C SER A 226 24.79 -5.99 11.99
N GLY A 227 23.96 -4.96 12.09
CA GLY A 227 23.85 -4.23 13.33
C GLY A 227 24.77 -3.01 13.31
N SER A 228 25.46 -2.80 12.19
CA SER A 228 26.35 -1.66 12.04
C SER A 228 25.58 -0.33 12.02
N CYS A 229 24.34 -0.37 11.54
CA CYS A 229 23.58 0.87 11.44
C CYS A 229 22.08 0.72 11.67
N ASP A 230 21.70 0.24 12.86
CA ASP A 230 20.29 0.04 13.17
C ASP A 230 19.51 1.35 13.27
N TYR A 231 20.21 2.47 13.44
CA TYR A 231 19.54 3.76 13.56
C TYR A 231 18.78 4.16 12.27
N LEU A 232 18.97 3.40 11.19
CA LEU A 232 18.30 3.67 9.93
C LEU A 232 16.88 3.12 9.91
N THR A 233 16.53 2.36 10.94
CA THR A 233 15.22 1.72 11.05
C THR A 233 14.07 2.52 10.45
N GLY A 234 13.24 1.85 9.65
CA GLY A 234 12.11 2.52 9.03
C GLY A 234 12.38 2.99 7.62
N GLN A 235 13.65 3.01 7.27
CA GLN A 235 14.10 3.45 5.96
C GLN A 235 13.57 2.61 4.83
N VAL A 236 13.30 3.28 3.72
CA VAL A 236 12.87 2.62 2.51
C VAL A 236 14.03 2.94 1.59
N PHE A 237 14.71 1.90 1.15
CA PHE A 237 15.84 2.08 0.28
C PHE A 237 15.44 1.91 -1.18
N TRP A 238 15.70 2.90 -2.04
CA TRP A 238 15.39 2.82 -3.47
C TRP A 238 16.61 2.33 -4.24
N LEU A 239 16.68 1.05 -4.54
CA LEU A 239 17.83 0.46 -5.21
C LEU A 239 17.50 0.46 -6.70
N ALA A 240 17.70 1.57 -7.39
CA ALA A 240 17.35 1.62 -8.81
C ALA A 240 18.30 2.48 -9.63
N GLY A 241 19.56 2.58 -9.20
CA GLY A 241 20.54 3.35 -9.93
C GLY A 241 20.18 4.72 -10.49
N GLY A 242 19.40 5.51 -9.77
CA GLY A 242 19.04 6.83 -10.24
C GLY A 242 17.68 6.89 -10.90
N PHE A 243 17.11 5.72 -11.22
CA PHE A 243 15.79 5.70 -11.84
C PHE A 243 14.84 6.49 -10.95
N PRO A 244 13.91 7.26 -11.54
CA PRO A 244 13.69 7.42 -12.98
C PRO A 244 14.33 8.68 -13.54
N MET A 245 15.00 8.53 -14.69
CA MET A 245 15.62 9.67 -15.35
C MET A 245 14.50 10.33 -16.13
N ILE A 246 14.25 11.61 -15.87
CA ILE A 246 13.17 12.32 -16.55
C ILE A 246 13.58 12.85 -17.92
N GLU A 247 12.73 12.62 -18.92
CA GLU A 247 12.98 13.10 -20.27
C GLU A 247 13.01 14.64 -20.31
N ARG A 248 14.07 15.18 -20.90
CA ARG A 248 14.24 16.63 -20.99
C ARG A 248 13.63 17.28 -22.22
N TRP A 249 13.63 18.62 -22.20
CA TRP A 249 13.08 19.43 -23.27
C TRP A 249 13.65 19.16 -24.66
N PRO A 250 12.83 19.37 -25.70
CA PRO A 250 13.30 19.15 -27.07
C PRO A 250 14.56 19.98 -27.27
N GLY A 251 15.50 19.45 -28.03
CA GLY A 251 16.75 20.16 -28.30
C GLY A 251 17.86 19.87 -27.31
N MET A 252 17.54 19.11 -26.27
CA MET A 252 18.56 18.80 -25.29
C MET A 252 19.07 17.38 -25.40
N PRO A 253 20.37 17.20 -25.14
CA PRO A 253 21.08 15.91 -25.21
C PRO A 253 20.78 14.91 -24.08
N SER B 2 -23.81 16.87 -12.89
CA SER B 2 -23.58 15.50 -13.41
C SER B 2 -23.98 14.46 -12.38
N THR B 3 -23.64 13.20 -12.65
CA THR B 3 -23.98 12.10 -11.77
C THR B 3 -22.75 11.61 -11.02
N ALA B 4 -22.86 11.52 -9.70
CA ALA B 4 -21.74 11.07 -8.88
C ALA B 4 -22.19 9.99 -7.89
N ILE B 5 -21.22 9.20 -7.44
CA ILE B 5 -21.47 8.15 -6.47
C ILE B 5 -20.60 8.43 -5.24
N VAL B 6 -21.17 8.24 -4.07
CA VAL B 6 -20.43 8.43 -2.83
C VAL B 6 -20.76 7.22 -1.98
N THR B 7 -19.75 6.41 -1.68
CA THR B 7 -19.92 5.19 -0.90
C THR B 7 -19.84 5.44 0.61
N ASN B 8 -20.44 4.55 1.40
CA ASN B 8 -20.45 4.65 2.86
C ASN B 8 -20.83 6.05 3.30
N VAL B 9 -21.73 6.66 2.55
CA VAL B 9 -22.15 8.04 2.81
C VAL B 9 -22.40 8.39 4.26
N LYS B 10 -22.73 7.41 5.09
CA LYS B 10 -23.01 7.72 6.48
C LYS B 10 -21.78 7.87 7.37
N HIS B 11 -20.61 7.44 6.90
CA HIS B 11 -19.41 7.53 7.74
C HIS B 11 -18.20 8.22 7.10
N PHE B 12 -17.24 8.59 7.95
CA PHE B 12 -16.00 9.20 7.48
C PHE B 12 -16.29 10.47 6.68
N GLY B 13 -15.94 10.50 5.40
CA GLY B 13 -16.18 11.71 4.63
C GLY B 13 -17.34 11.68 3.67
N GLY B 14 -18.27 10.75 3.89
CA GLY B 14 -19.44 10.63 3.02
C GLY B 14 -20.42 11.79 2.99
N MET B 15 -20.91 12.22 4.15
CA MET B 15 -21.88 13.31 4.22
C MET B 15 -21.38 14.66 3.70
N GLY B 16 -20.15 15.03 4.05
CA GLY B 16 -19.63 16.29 3.57
C GLY B 16 -19.50 16.23 2.07
N SER B 17 -19.12 15.06 1.56
CA SER B 17 -18.94 14.85 0.13
C SER B 17 -20.25 14.86 -0.64
N ALA B 18 -21.15 13.95 -0.26
CA ALA B 18 -22.44 13.83 -0.92
C ALA B 18 -23.17 15.18 -0.93
N LEU B 19 -23.37 15.73 0.26
CA LEU B 19 -24.04 17.01 0.41
C LEU B 19 -23.42 18.14 -0.42
N ARG B 20 -22.12 18.38 -0.26
CA ARG B 20 -21.50 19.47 -1.01
C ARG B 20 -21.60 19.25 -2.51
N LEU B 21 -21.47 18.00 -2.95
CA LEU B 21 -21.57 17.64 -4.36
C LEU B 21 -23.01 17.95 -4.82
N SER B 22 -23.96 17.65 -3.94
CA SER B 22 -25.37 17.90 -4.20
C SER B 22 -25.60 19.40 -4.33
N GLU B 23 -25.08 20.16 -3.36
CA GLU B 23 -25.20 21.61 -3.37
C GLU B 23 -24.69 22.13 -4.71
N ALA B 24 -23.59 21.55 -5.19
CA ALA B 24 -22.97 21.93 -6.45
C ALA B 24 -23.79 21.48 -7.65
N GLY B 25 -25.05 21.13 -7.40
CA GLY B 25 -25.94 20.70 -8.47
C GLY B 25 -25.63 19.39 -9.17
N HIS B 26 -25.16 18.40 -8.43
CA HIS B 26 -24.85 17.08 -8.99
C HIS B 26 -25.93 16.10 -8.53
N THR B 27 -26.17 15.06 -9.32
CA THR B 27 -27.13 14.03 -8.92
C THR B 27 -26.21 13.10 -8.14
N VAL B 28 -26.48 12.92 -6.85
CA VAL B 28 -25.63 12.09 -6.01
C VAL B 28 -26.21 10.77 -5.51
N ALA B 29 -25.86 9.68 -6.18
CA ALA B 29 -26.34 8.35 -5.77
C ALA B 29 -25.49 7.98 -4.57
N CYS B 30 -26.12 7.56 -3.48
CA CYS B 30 -25.38 7.19 -2.28
C CYS B 30 -25.49 5.73 -1.88
N HIS B 31 -24.33 5.17 -1.53
CA HIS B 31 -24.23 3.79 -1.10
C HIS B 31 -23.87 3.74 0.38
N ASP B 32 -24.26 2.67 1.05
CA ASP B 32 -23.96 2.48 2.46
C ASP B 32 -24.45 1.08 2.83
N GLU B 33 -23.88 0.46 3.87
CA GLU B 33 -24.29 -0.88 4.26
C GLU B 33 -25.76 -0.88 4.65
N SER B 34 -26.16 0.05 5.50
CA SER B 34 -27.52 0.15 5.98
C SER B 34 -28.59 0.26 4.89
N PHE B 35 -28.16 0.53 3.67
CA PHE B 35 -29.10 0.65 2.56
C PHE B 35 -29.51 -0.71 2.03
N LYS B 36 -29.31 -1.72 2.89
CA LYS B 36 -29.68 -3.09 2.59
C LYS B 36 -31.13 -3.23 3.06
N GLN B 37 -31.45 -2.61 4.20
CA GLN B 37 -32.80 -2.64 4.75
C GLN B 37 -33.62 -1.48 4.20
N LYS B 38 -34.78 -1.80 3.61
CA LYS B 38 -35.65 -0.78 3.02
C LYS B 38 -35.97 0.34 4.01
N ASP B 39 -36.02 0.02 5.30
CA ASP B 39 -36.33 1.00 6.33
C ASP B 39 -35.28 2.11 6.41
N GLU B 40 -34.02 1.69 6.39
CA GLU B 40 -32.88 2.61 6.46
C GLU B 40 -32.74 3.46 5.23
N LEU B 41 -32.82 2.83 4.07
CA LEU B 41 -32.71 3.55 2.81
C LEU B 41 -33.78 4.63 2.76
N GLU B 42 -35.04 4.22 2.87
CA GLU B 42 -36.17 5.16 2.82
C GLU B 42 -36.07 6.25 3.88
N ALA B 43 -35.65 5.88 5.08
CA ALA B 43 -35.49 6.87 6.14
C ALA B 43 -34.50 7.91 5.62
N PHE B 44 -33.48 7.43 4.92
CA PHE B 44 -32.45 8.28 4.36
C PHE B 44 -32.99 9.17 3.22
N ALA B 45 -33.65 8.56 2.25
CA ALA B 45 -34.20 9.32 1.12
C ALA B 45 -35.21 10.35 1.62
N GLU B 46 -35.83 10.07 2.77
CA GLU B 46 -36.81 11.00 3.32
C GLU B 46 -36.05 12.20 3.87
N THR B 47 -35.11 11.94 4.78
CA THR B 47 -34.32 13.01 5.39
C THR B 47 -33.52 13.85 4.38
N TYR B 48 -32.94 13.20 3.37
CA TYR B 48 -32.15 13.92 2.38
C TYR B 48 -32.71 13.74 0.97
N PRO B 49 -33.75 14.51 0.63
CA PRO B 49 -34.38 14.44 -0.69
C PRO B 49 -33.46 14.79 -1.85
N GLN B 50 -32.32 15.42 -1.55
CA GLN B 50 -31.36 15.81 -2.57
C GLN B 50 -30.37 14.67 -2.92
N LEU B 51 -30.25 13.69 -2.03
CA LEU B 51 -29.36 12.56 -2.26
C LEU B 51 -30.17 11.36 -2.73
N LYS B 52 -29.60 10.58 -3.64
CA LYS B 52 -30.27 9.39 -4.15
C LYS B 52 -29.62 8.14 -3.55
N PRO B 53 -30.18 7.61 -2.44
CA PRO B 53 -29.60 6.40 -1.83
C PRO B 53 -29.88 5.14 -2.63
N MET B 54 -28.89 4.26 -2.72
CA MET B 54 -29.02 3.00 -3.45
C MET B 54 -28.93 1.83 -2.48
N SER B 55 -29.52 0.70 -2.87
CA SER B 55 -29.50 -0.48 -2.03
C SER B 55 -28.33 -1.39 -2.38
N GLU B 56 -27.94 -1.36 -3.66
CA GLU B 56 -26.83 -2.17 -4.16
C GLU B 56 -25.67 -2.11 -3.18
N GLN B 57 -24.99 -3.24 -2.98
CA GLN B 57 -23.88 -3.31 -2.04
C GLN B 57 -22.53 -3.54 -2.73
N GLU B 58 -22.49 -4.47 -3.68
CA GLU B 58 -21.26 -4.79 -4.38
C GLU B 58 -20.90 -3.71 -5.37
N PRO B 59 -19.60 -3.54 -5.66
CA PRO B 59 -19.07 -2.55 -6.59
C PRO B 59 -19.73 -2.56 -7.96
N ALA B 60 -19.58 -3.66 -8.70
CA ALA B 60 -20.19 -3.78 -10.03
C ALA B 60 -21.70 -3.56 -10.01
N GLU B 61 -22.41 -4.23 -9.11
CA GLU B 61 -23.86 -4.07 -9.03
C GLU B 61 -24.20 -2.58 -8.93
N LEU B 62 -23.51 -1.89 -8.02
CA LEU B 62 -23.72 -0.47 -7.79
C LEU B 62 -23.51 0.38 -9.06
N ILE B 63 -22.31 0.35 -9.61
CA ILE B 63 -22.02 1.11 -10.81
C ILE B 63 -23.15 0.97 -11.85
N GLU B 64 -23.59 -0.26 -12.08
CA GLU B 64 -24.66 -0.53 -13.06
C GLU B 64 -25.99 0.10 -12.61
N ALA B 65 -26.35 -0.07 -11.35
CA ALA B 65 -27.58 0.51 -10.84
C ALA B 65 -27.64 2.00 -11.17
N VAL B 66 -26.57 2.72 -10.85
CA VAL B 66 -26.49 4.15 -11.10
C VAL B 66 -26.44 4.50 -12.59
N THR B 67 -25.67 3.75 -13.36
CA THR B 67 -25.57 4.00 -14.80
C THR B 67 -26.96 3.94 -15.44
N SER B 68 -27.75 2.93 -15.06
CA SER B 68 -29.10 2.75 -15.58
C SER B 68 -30.03 3.82 -15.05
N ALA B 69 -30.16 3.87 -13.73
CA ALA B 69 -31.02 4.84 -13.08
C ALA B 69 -30.79 6.29 -13.51
N TYR B 70 -29.54 6.75 -13.49
CA TYR B 70 -29.24 8.13 -13.84
C TYR B 70 -28.38 8.40 -15.07
N GLY B 71 -28.35 7.47 -16.02
CA GLY B 71 -27.59 7.70 -17.23
C GLY B 71 -26.13 7.26 -17.26
N GLN B 72 -25.34 7.71 -16.29
CA GLN B 72 -23.92 7.37 -16.26
C GLN B 72 -23.28 7.83 -14.94
N VAL B 73 -22.03 7.44 -14.72
CA VAL B 73 -21.31 7.85 -13.52
C VAL B 73 -20.18 8.78 -13.96
N ASP B 74 -20.27 10.05 -13.56
CA ASP B 74 -19.26 11.03 -13.92
C ASP B 74 -18.20 11.23 -12.83
N VAL B 75 -18.61 11.07 -11.57
CA VAL B 75 -17.70 11.23 -10.45
C VAL B 75 -17.78 10.07 -9.46
N LEU B 76 -16.63 9.57 -9.05
CA LEU B 76 -16.59 8.48 -8.10
C LEU B 76 -15.82 8.88 -6.86
N VAL B 77 -16.49 8.85 -5.71
CA VAL B 77 -15.84 9.20 -4.45
C VAL B 77 -15.83 7.95 -3.58
N SER B 78 -14.79 7.14 -3.71
CA SER B 78 -14.70 5.93 -2.92
C SER B 78 -14.29 6.29 -1.49
N ASN B 79 -15.29 6.49 -0.63
CA ASN B 79 -15.09 6.85 0.76
C ASN B 79 -14.99 5.52 1.53
N ASP B 80 -13.78 5.00 1.68
CA ASP B 80 -13.61 3.71 2.33
C ASP B 80 -13.32 3.69 3.81
N ILE B 81 -13.99 2.79 4.50
CA ILE B 81 -13.83 2.68 5.94
C ILE B 81 -13.52 1.24 6.36
N PHE B 82 -13.17 1.10 7.63
CA PHE B 82 -12.83 -0.19 8.21
C PHE B 82 -12.58 0.09 9.67
N ALA B 83 -13.04 -0.81 10.53
CA ALA B 83 -12.87 -0.66 11.98
C ALA B 83 -11.66 -1.51 12.39
N PRO B 84 -10.50 -0.87 12.55
CA PRO B 84 -9.28 -1.58 12.93
C PRO B 84 -9.05 -1.68 14.42
N GLU B 85 -8.24 -2.65 14.80
CA GLU B 85 -7.86 -2.81 16.19
C GLU B 85 -6.38 -2.42 16.25
N PHE B 86 -6.01 -1.72 17.32
CA PHE B 86 -4.61 -1.35 17.52
C PHE B 86 -4.01 -2.61 18.15
N GLN B 87 -2.92 -3.12 17.60
CA GLN B 87 -2.32 -4.31 18.19
C GLN B 87 -0.89 -4.59 17.76
N PRO B 88 -0.10 -5.19 18.66
CA PRO B 88 1.28 -5.51 18.33
C PRO B 88 1.16 -6.48 17.17
N ILE B 89 2.08 -6.41 16.22
CA ILE B 89 2.04 -7.27 15.04
C ILE B 89 1.80 -8.76 15.32
N ASP B 90 2.42 -9.30 16.37
CA ASP B 90 2.27 -10.72 16.71
C ASP B 90 0.90 -11.08 17.28
N LYS B 91 0.15 -10.07 17.73
CA LYS B 91 -1.17 -10.28 18.30
C LYS B 91 -2.30 -10.20 17.27
N TYR B 92 -1.97 -9.79 16.05
CA TYR B 92 -2.97 -9.72 14.98
C TYR B 92 -3.13 -11.13 14.44
N ALA B 93 -4.19 -11.35 13.68
CA ALA B 93 -4.40 -12.64 13.03
C ALA B 93 -4.17 -12.25 11.58
N VAL B 94 -3.66 -13.14 10.76
CA VAL B 94 -3.41 -12.79 9.37
C VAL B 94 -4.69 -12.38 8.64
N GLU B 95 -5.86 -12.77 9.16
CA GLU B 95 -7.13 -12.41 8.55
C GLU B 95 -7.49 -10.97 8.93
N ASP B 96 -6.90 -10.46 10.01
CA ASP B 96 -7.14 -9.09 10.45
C ASP B 96 -6.52 -8.14 9.44
N TYR B 97 -5.53 -8.62 8.73
CA TYR B 97 -4.88 -7.80 7.72
C TYR B 97 -5.67 -7.96 6.44
N ARG B 98 -6.16 -9.17 6.17
CA ARG B 98 -6.95 -9.41 4.96
C ARG B 98 -8.24 -8.60 4.98
N GLY B 99 -8.74 -8.33 6.18
CA GLY B 99 -9.95 -7.56 6.30
C GLY B 99 -9.68 -6.13 5.87
N ALA B 100 -8.65 -5.55 6.47
CA ALA B 100 -8.23 -4.18 6.18
C ALA B 100 -7.95 -3.97 4.69
N VAL B 101 -7.14 -4.84 4.12
CA VAL B 101 -6.80 -4.74 2.72
C VAL B 101 -8.03 -4.82 1.82
N GLU B 102 -8.95 -5.72 2.13
CA GLU B 102 -10.15 -5.90 1.32
C GLU B 102 -11.08 -4.68 1.40
N ALA B 103 -11.21 -4.11 2.59
CA ALA B 103 -12.06 -2.95 2.78
C ALA B 103 -11.42 -1.64 2.28
N LEU B 104 -10.11 -1.50 2.45
CA LEU B 104 -9.44 -0.26 2.08
C LEU B 104 -8.71 -0.22 0.75
N GLN B 105 -8.37 -1.38 0.19
CA GLN B 105 -7.66 -1.41 -1.09
C GLN B 105 -8.47 -2.06 -2.20
N ILE B 106 -8.99 -3.26 -1.92
CA ILE B 106 -9.78 -4.00 -2.90
C ILE B 106 -11.04 -3.24 -3.33
N ARG B 107 -11.82 -2.81 -2.34
CA ARG B 107 -13.05 -2.08 -2.61
C ARG B 107 -12.86 -0.95 -3.62
N PRO B 108 -11.97 0.03 -3.33
CA PRO B 108 -11.80 1.10 -4.31
C PRO B 108 -11.27 0.62 -5.65
N PHE B 109 -10.51 -0.47 -5.66
CA PHE B 109 -9.98 -0.99 -6.92
C PHE B 109 -11.13 -1.56 -7.73
N ALA B 110 -11.99 -2.31 -7.05
CA ALA B 110 -13.15 -2.91 -7.70
C ALA B 110 -14.03 -1.82 -8.30
N LEU B 111 -14.26 -0.77 -7.51
CA LEU B 111 -15.09 0.33 -7.95
C LEU B 111 -14.54 0.97 -9.21
N VAL B 112 -13.24 1.26 -9.24
CA VAL B 112 -12.65 1.88 -10.41
C VAL B 112 -12.60 0.87 -11.55
N ASN B 113 -12.54 -0.41 -11.23
CA ASN B 113 -12.49 -1.44 -12.24
C ASN B 113 -13.83 -1.59 -12.97
N ALA B 114 -14.91 -1.13 -12.34
CA ALA B 114 -16.25 -1.22 -12.92
C ALA B 114 -16.67 -0.01 -13.77
N VAL B 115 -16.40 1.19 -13.27
CA VAL B 115 -16.77 2.42 -13.95
C VAL B 115 -15.69 2.94 -14.90
N ALA B 116 -14.53 2.32 -14.87
CA ALA B 116 -13.42 2.75 -15.70
C ALA B 116 -13.64 2.80 -17.20
N SER B 117 -14.23 1.76 -17.78
CA SER B 117 -14.44 1.72 -19.23
C SER B 117 -15.34 2.82 -19.77
N GLN B 118 -16.45 3.11 -19.07
CA GLN B 118 -17.33 4.17 -19.56
C GLN B 118 -16.67 5.55 -19.51
N MET B 119 -15.94 5.86 -18.44
CA MET B 119 -15.27 7.15 -18.36
C MET B 119 -14.25 7.28 -19.48
N LYS B 120 -13.48 6.22 -19.72
CA LYS B 120 -12.46 6.25 -20.78
C LYS B 120 -13.08 6.40 -22.18
N LYS B 121 -14.28 5.85 -22.37
CA LYS B 121 -14.98 5.94 -23.65
C LYS B 121 -15.48 7.36 -23.97
N ARG B 122 -15.98 8.07 -22.96
CA ARG B 122 -16.45 9.44 -23.20
C ARG B 122 -15.26 10.37 -23.00
N LYS B 123 -14.13 9.81 -22.60
CA LYS B 123 -12.94 10.59 -22.32
C LYS B 123 -13.21 11.70 -21.33
N SER B 124 -13.88 11.36 -20.23
CA SER B 124 -14.17 12.34 -19.19
C SER B 124 -14.69 11.66 -17.94
N GLY B 125 -14.38 12.24 -16.79
CA GLY B 125 -14.83 11.69 -15.53
C GLY B 125 -13.83 12.07 -14.46
N HIS B 126 -14.16 11.80 -13.20
CA HIS B 126 -13.27 12.11 -12.09
C HIS B 126 -13.31 11.00 -11.06
N ILE B 127 -12.16 10.69 -10.47
CA ILE B 127 -12.08 9.63 -9.46
C ILE B 127 -11.39 10.12 -8.21
N ILE B 128 -12.04 9.94 -7.07
CA ILE B 128 -11.49 10.38 -5.79
C ILE B 128 -11.53 9.30 -4.73
N PHE B 129 -10.40 9.12 -4.05
CA PHE B 129 -10.29 8.12 -2.97
C PHE B 129 -10.19 8.86 -1.65
N ILE B 130 -10.99 8.47 -0.68
CA ILE B 130 -10.86 9.08 0.64
C ILE B 130 -10.07 8.00 1.32
N THR B 131 -8.79 8.27 1.59
CA THR B 131 -7.94 7.29 2.23
C THR B 131 -7.64 7.66 3.68
N SER B 132 -6.39 8.03 3.94
CA SER B 132 -5.99 8.37 5.31
C SER B 132 -4.60 9.00 5.33
N ALA B 133 -4.40 9.91 6.28
CA ALA B 133 -3.11 10.56 6.42
C ALA B 133 -2.17 9.81 7.37
N THR B 134 -2.60 8.66 7.87
CA THR B 134 -1.74 7.89 8.78
C THR B 134 -0.45 7.37 8.13
N PRO B 135 -0.45 7.14 6.80
CA PRO B 135 0.81 6.65 6.22
C PRO B 135 1.89 7.73 6.29
N PHE B 136 1.48 8.99 6.41
CA PHE B 136 2.42 10.10 6.48
C PHE B 136 3.06 10.25 7.86
N GLY B 137 2.37 9.75 8.87
CA GLY B 137 2.87 9.83 10.23
C GLY B 137 2.30 8.65 11.00
N PRO B 138 2.88 7.45 10.82
CA PRO B 138 2.38 6.27 11.52
C PRO B 138 2.47 6.27 13.04
N TRP B 139 1.43 5.72 13.67
CA TRP B 139 1.36 5.55 15.10
C TRP B 139 1.83 4.11 15.25
N LYS B 140 2.32 3.72 16.42
CA LYS B 140 2.75 2.33 16.53
C LYS B 140 1.56 1.43 16.81
N GLU B 141 1.63 0.20 16.33
CA GLU B 141 0.57 -0.79 16.53
C GLU B 141 -0.70 -0.62 15.68
N LEU B 142 -0.54 -0.13 14.45
CA LEU B 142 -1.69 0.03 13.58
C LEU B 142 -1.27 -0.33 12.17
N SER B 143 -0.31 -1.25 12.09
CA SER B 143 0.26 -1.70 10.83
C SER B 143 -0.72 -2.13 9.74
N THR B 144 -1.81 -2.81 10.11
CA THR B 144 -2.79 -3.25 9.12
C THR B 144 -3.48 -2.07 8.42
N TYR B 145 -4.28 -1.33 9.17
CA TYR B 145 -5.02 -0.19 8.65
C TYR B 145 -4.09 0.76 7.90
N THR B 146 -3.01 1.15 8.55
CA THR B 146 -2.04 2.10 7.99
C THR B 146 -1.41 1.65 6.68
N SER B 147 -0.91 0.41 6.61
CA SER B 147 -0.30 -0.07 5.39
C SER B 147 -1.29 -0.17 4.23
N ALA B 148 -2.53 -0.56 4.51
CA ALA B 148 -3.55 -0.70 3.48
C ALA B 148 -3.93 0.68 2.90
N ARG B 149 -3.97 1.68 3.77
CA ARG B 149 -4.29 3.03 3.33
C ARG B 149 -3.23 3.48 2.32
N ALA B 150 -1.97 3.16 2.61
CA ALA B 150 -0.87 3.52 1.72
C ALA B 150 -1.05 2.89 0.35
N GLY B 151 -1.53 1.66 0.31
CA GLY B 151 -1.74 0.99 -0.95
C GLY B 151 -2.77 1.74 -1.78
N ALA B 152 -3.82 2.23 -1.11
CA ALA B 152 -4.88 2.98 -1.77
C ALA B 152 -4.34 4.32 -2.29
N CYS B 153 -3.51 5.00 -1.50
CA CYS B 153 -2.93 6.26 -1.93
C CYS B 153 -2.15 6.02 -3.22
N THR B 154 -1.31 5.00 -3.22
CA THR B 154 -0.50 4.68 -4.40
C THR B 154 -1.36 4.21 -5.58
N LEU B 155 -2.46 3.53 -5.29
CA LEU B 155 -3.35 3.07 -6.35
C LEU B 155 -3.77 4.31 -7.13
N ALA B 156 -4.29 5.29 -6.39
CA ALA B 156 -4.75 6.53 -6.98
C ALA B 156 -3.71 7.20 -7.87
N ASN B 157 -2.50 7.35 -7.35
CA ASN B 157 -1.43 7.96 -8.12
C ASN B 157 -1.12 7.16 -9.40
N ALA B 158 -1.04 5.84 -9.29
CA ALA B 158 -0.76 4.99 -10.45
C ALA B 158 -1.84 5.11 -11.52
N LEU B 159 -3.10 5.17 -11.07
CA LEU B 159 -4.21 5.27 -12.00
C LEU B 159 -4.22 6.62 -12.70
N SER B 160 -3.68 7.65 -12.05
CA SER B 160 -3.66 8.98 -12.65
C SER B 160 -2.79 8.96 -13.89
N LYS B 161 -1.86 8.01 -13.91
CA LYS B 161 -0.92 7.86 -15.01
C LYS B 161 -1.53 7.28 -16.29
N GLU B 162 -2.39 6.27 -16.16
CA GLU B 162 -2.99 5.70 -17.35
C GLU B 162 -4.25 6.40 -17.78
N LEU B 163 -5.02 6.92 -16.83
CA LEU B 163 -6.26 7.60 -17.15
C LEU B 163 -6.10 9.05 -17.58
N GLY B 164 -4.89 9.60 -17.43
CA GLY B 164 -4.68 10.98 -17.84
C GLY B 164 -4.84 11.10 -19.35
N GLU B 165 -4.44 10.05 -20.04
CA GLU B 165 -4.53 9.98 -21.50
C GLU B 165 -5.99 10.09 -21.95
N TYR B 166 -6.90 9.65 -21.09
CA TYR B 166 -8.33 9.70 -21.37
C TYR B 166 -8.97 10.89 -20.68
N ASN B 167 -8.13 11.82 -20.23
CA ASN B 167 -8.60 13.03 -19.58
C ASN B 167 -9.43 12.74 -18.33
N ILE B 168 -8.96 11.82 -17.50
CA ILE B 168 -9.67 11.47 -16.27
C ILE B 168 -8.72 11.63 -15.09
N PRO B 169 -8.99 12.64 -14.24
CA PRO B 169 -8.16 12.91 -13.07
C PRO B 169 -8.48 11.95 -11.92
N VAL B 170 -7.44 11.55 -11.20
CA VAL B 170 -7.59 10.66 -10.05
C VAL B 170 -6.85 11.32 -8.89
N PHE B 171 -7.53 11.44 -7.75
CA PHE B 171 -6.93 12.05 -6.58
C PHE B 171 -7.16 11.17 -5.37
N ALA B 172 -6.38 11.42 -4.33
CA ALA B 172 -6.54 10.71 -3.08
C ALA B 172 -6.53 11.79 -2.01
N ILE B 173 -7.54 11.76 -1.14
CA ILE B 173 -7.62 12.73 -0.05
C ILE B 173 -7.42 11.91 1.22
N GLY B 174 -6.31 12.15 1.91
CA GLY B 174 -6.03 11.40 3.13
C GLY B 174 -6.23 12.24 4.37
N PRO B 175 -7.40 12.13 5.00
CA PRO B 175 -7.64 12.93 6.20
C PRO B 175 -7.10 12.30 7.49
N ASN B 176 -7.24 13.07 8.56
CA ASN B 176 -6.89 12.64 9.90
C ASN B 176 -7.44 13.73 10.78
N TYR B 177 -8.10 13.31 11.86
CA TYR B 177 -8.76 14.22 12.80
C TYR B 177 -9.87 14.97 12.08
N LEU B 178 -10.61 14.24 11.25
CA LEU B 178 -11.75 14.81 10.54
C LEU B 178 -12.99 14.48 11.38
N HIS B 179 -13.63 15.52 11.88
CA HIS B 179 -14.84 15.36 12.69
C HIS B 179 -15.84 14.52 11.90
N SER B 180 -16.15 13.33 12.40
CA SER B 180 -17.10 12.44 11.74
C SER B 180 -18.52 12.58 12.32
N GLU B 181 -18.68 13.57 13.20
CA GLU B 181 -19.96 13.89 13.84
C GLU B 181 -20.63 12.74 14.61
N ASP B 182 -21.62 12.11 13.99
CA ASP B 182 -22.33 11.00 14.64
C ASP B 182 -21.66 9.66 14.32
N SER B 183 -21.01 9.58 13.17
CA SER B 183 -20.34 8.35 12.76
C SER B 183 -19.13 8.06 13.63
N PRO B 184 -18.89 6.77 13.94
CA PRO B 184 -17.76 6.35 14.76
C PRO B 184 -16.46 6.28 13.93
N TYR B 185 -16.58 6.58 12.64
CA TYR B 185 -15.44 6.57 11.71
C TYR B 185 -15.06 8.00 11.32
N PHE B 186 -14.04 8.58 11.97
CA PHE B 186 -13.28 7.92 13.02
C PHE B 186 -13.08 8.92 14.14
N TYR B 187 -13.77 10.06 14.05
CA TYR B 187 -13.67 11.09 15.07
C TYR B 187 -15.04 11.70 15.42
N PRO B 188 -15.89 10.92 16.11
CA PRO B 188 -17.23 11.35 16.53
C PRO B 188 -17.20 12.48 17.53
N THR B 189 -18.25 13.30 17.51
CA THR B 189 -18.37 14.45 18.40
C THR B 189 -18.05 14.04 19.83
N GLU B 190 -18.56 12.86 20.22
CA GLU B 190 -18.29 12.30 21.54
C GLU B 190 -17.24 11.23 21.24
N PRO B 191 -16.05 11.34 21.83
CA PRO B 191 -15.58 12.38 22.76
C PRO B 191 -14.71 13.49 22.17
N TRP B 192 -14.26 13.33 20.94
CA TRP B 192 -13.38 14.31 20.31
C TRP B 192 -13.72 15.78 20.47
N LYS B 193 -15.00 16.11 20.63
CA LYS B 193 -15.35 17.51 20.78
C LYS B 193 -15.81 17.90 22.17
N THR B 194 -15.99 16.91 23.05
CA THR B 194 -16.47 17.19 24.40
C THR B 194 -15.54 16.85 25.56
N ASN B 195 -14.90 15.68 25.52
CA ASN B 195 -14.00 15.27 26.59
C ASN B 195 -12.68 16.04 26.53
N PRO B 196 -12.38 16.83 27.57
CA PRO B 196 -11.15 17.63 27.66
C PRO B 196 -9.85 16.97 27.17
N GLU B 197 -9.61 15.72 27.55
CA GLU B 197 -8.40 15.01 27.15
C GLU B 197 -8.25 14.95 25.63
N HIS B 198 -9.29 14.48 24.96
CA HIS B 198 -9.27 14.37 23.50
C HIS B 198 -9.15 15.75 22.86
N VAL B 199 -9.83 16.73 23.44
CA VAL B 199 -9.78 18.09 22.92
C VAL B 199 -8.36 18.65 23.02
N ALA B 200 -7.68 18.34 24.12
CA ALA B 200 -6.31 18.81 24.35
C ALA B 200 -5.30 18.06 23.44
N HIS B 201 -5.59 16.81 23.12
CA HIS B 201 -4.74 16.00 22.23
C HIS B 201 -4.73 16.63 20.84
N VAL B 202 -5.93 16.76 20.28
CA VAL B 202 -6.12 17.36 18.97
C VAL B 202 -5.43 18.72 18.92
N LYS B 203 -5.57 19.48 20.01
CA LYS B 203 -4.98 20.82 20.12
C LYS B 203 -3.48 20.76 19.96
N LYS B 204 -2.89 19.70 20.52
CA LYS B 204 -1.46 19.47 20.51
C LYS B 204 -0.86 18.89 19.23
N VAL B 205 -1.55 17.92 18.63
CA VAL B 205 -1.01 17.27 17.43
C VAL B 205 -1.31 17.85 16.05
N THR B 206 -2.21 18.84 15.97
CA THR B 206 -2.52 19.48 14.69
C THR B 206 -2.01 20.91 14.79
N ALA B 207 -1.60 21.50 13.67
CA ALA B 207 -1.10 22.86 13.68
C ALA B 207 -2.23 23.90 13.87
N LEU B 208 -3.39 23.64 13.27
CA LEU B 208 -4.53 24.55 13.36
C LEU B 208 -5.25 24.39 14.71
N GLN B 209 -4.89 23.32 15.43
CA GLN B 209 -5.42 23.01 16.75
C GLN B 209 -6.91 22.76 16.78
N ARG B 210 -7.37 21.86 15.94
CA ARG B 210 -8.79 21.55 15.86
C ARG B 210 -9.01 20.41 14.90
N LEU B 211 -10.22 19.87 14.92
CA LEU B 211 -10.59 18.79 14.01
C LEU B 211 -10.87 19.45 12.67
N GLY B 212 -10.87 18.65 11.60
CA GLY B 212 -11.19 19.18 10.29
C GLY B 212 -12.70 19.04 10.16
N THR B 213 -13.36 19.96 9.46
CA THR B 213 -14.81 19.85 9.34
C THR B 213 -15.23 19.16 8.05
N GLN B 214 -16.43 18.60 8.07
CA GLN B 214 -17.00 17.92 6.91
C GLN B 214 -17.10 18.90 5.73
N LYS B 215 -17.49 20.15 6.01
CA LYS B 215 -17.61 21.14 4.95
C LYS B 215 -16.26 21.31 4.22
N GLU B 216 -15.16 21.29 4.95
CA GLU B 216 -13.84 21.44 4.34
C GLU B 216 -13.56 20.28 3.40
N LEU B 217 -13.88 19.07 3.83
CA LEU B 217 -13.68 17.88 3.01
C LEU B 217 -14.53 18.01 1.76
N GLY B 218 -15.81 18.37 1.95
CA GLY B 218 -16.73 18.51 0.83
C GLY B 218 -16.31 19.55 -0.18
N GLU B 219 -15.84 20.69 0.31
CA GLU B 219 -15.38 21.78 -0.54
C GLU B 219 -14.26 21.27 -1.43
N LEU B 220 -13.42 20.39 -0.91
CA LEU B 220 -12.33 19.87 -1.71
C LEU B 220 -12.86 18.93 -2.77
N VAL B 221 -13.74 18.01 -2.37
CA VAL B 221 -14.32 17.05 -3.30
C VAL B 221 -15.10 17.75 -4.43
N ALA B 222 -15.92 18.72 -4.07
CA ALA B 222 -16.71 19.45 -5.06
C ALA B 222 -15.81 20.24 -6.00
N PHE B 223 -14.69 20.73 -5.45
CA PHE B 223 -13.71 21.49 -6.22
C PHE B 223 -12.99 20.58 -7.22
N LEU B 224 -12.52 19.44 -6.75
CA LEU B 224 -11.82 18.51 -7.62
C LEU B 224 -12.74 17.96 -8.70
N ALA B 225 -13.96 17.58 -8.31
CA ALA B 225 -14.92 17.03 -9.27
C ALA B 225 -15.57 18.06 -10.18
N SER B 226 -15.24 19.33 -9.98
CA SER B 226 -15.83 20.39 -10.80
C SER B 226 -15.10 20.58 -12.11
N GLY B 227 -13.91 20.02 -12.20
CA GLY B 227 -13.13 20.16 -13.42
C GLY B 227 -12.43 21.50 -13.46
N SER B 228 -12.35 22.17 -12.32
CA SER B 228 -11.69 23.49 -12.25
C SER B 228 -10.18 23.38 -12.20
N CYS B 229 -9.68 22.23 -11.76
CA CYS B 229 -8.24 22.07 -11.66
C CYS B 229 -7.74 20.65 -11.89
N ASP B 230 -8.10 20.08 -13.04
CA ASP B 230 -7.68 18.73 -13.38
C ASP B 230 -6.17 18.53 -13.44
N TYR B 231 -5.44 19.62 -13.65
CA TYR B 231 -3.99 19.47 -13.74
C TYR B 231 -3.34 18.93 -12.46
N LEU B 232 -4.12 18.80 -11.40
CA LEU B 232 -3.63 18.28 -10.12
C LEU B 232 -3.72 16.77 -10.06
N THR B 233 -4.20 16.13 -11.13
CA THR B 233 -4.34 14.68 -11.17
C THR B 233 -3.14 13.95 -10.57
N GLY B 234 -3.42 12.90 -9.80
CA GLY B 234 -2.36 12.11 -9.19
C GLY B 234 -1.92 12.61 -7.83
N GLN B 235 -2.51 13.72 -7.39
CA GLN B 235 -2.20 14.31 -6.10
C GLN B 235 -2.82 13.60 -4.90
N VAL B 236 -2.07 13.52 -3.82
CA VAL B 236 -2.57 12.96 -2.56
C VAL B 236 -2.72 14.22 -1.69
N PHE B 237 -3.93 14.47 -1.21
CA PHE B 237 -4.16 15.64 -0.39
C PHE B 237 -4.18 15.21 1.07
N TRP B 238 -3.33 15.83 1.88
CA TRP B 238 -3.31 15.52 3.32
C TRP B 238 -4.23 16.50 4.04
N LEU B 239 -5.42 16.05 4.39
CA LEU B 239 -6.40 16.88 5.10
C LEU B 239 -6.18 16.61 6.57
N ALA B 240 -5.15 17.20 7.17
CA ALA B 240 -4.91 16.93 8.57
C ALA B 240 -4.43 18.12 9.39
N GLY B 241 -4.92 19.30 9.04
CA GLY B 241 -4.59 20.51 9.76
C GLY B 241 -3.16 20.66 10.24
N GLY B 242 -2.20 20.20 9.45
CA GLY B 242 -0.81 20.34 9.85
C GLY B 242 -0.27 19.21 10.68
N PHE B 243 -1.12 18.22 10.98
CA PHE B 243 -0.66 17.07 11.74
C PHE B 243 0.40 16.38 10.87
N PRO B 244 1.45 15.82 11.49
CA PRO B 244 1.68 15.82 12.94
C PRO B 244 2.57 16.96 13.40
N MET B 245 2.33 17.40 14.64
CA MET B 245 3.13 18.46 15.24
C MET B 245 4.16 17.67 16.00
N ILE B 246 5.42 17.85 15.66
CA ILE B 246 6.50 17.12 16.32
C ILE B 246 6.84 17.72 17.69
N GLU B 247 7.03 16.85 18.68
CA GLU B 247 7.37 17.30 20.03
C GLU B 247 8.76 17.96 20.03
N ARG B 248 8.86 19.13 20.64
CA ARG B 248 10.12 19.84 20.68
C ARG B 248 10.96 19.57 21.92
N TRP B 249 12.22 20.00 21.86
CA TRP B 249 13.19 19.84 22.94
C TRP B 249 12.71 20.31 24.32
N PRO B 250 13.20 19.67 25.39
CA PRO B 250 12.84 20.03 26.77
C PRO B 250 13.09 21.51 27.03
N GLY B 251 12.13 22.17 27.67
CA GLY B 251 12.27 23.58 27.95
C GLY B 251 11.52 24.47 26.97
N MET B 252 11.20 23.93 25.79
CA MET B 252 10.48 24.68 24.76
C MET B 252 8.96 24.56 24.87
N PRO B 253 8.24 25.70 24.77
CA PRO B 253 6.78 25.78 24.86
C PRO B 253 6.01 25.10 23.71
#